data_6FNC
#
_entry.id   6FNC
#
_cell.length_a   71.999
_cell.length_b   102.992
_cell.length_c   113.875
_cell.angle_alpha   90.000
_cell.angle_beta   90.000
_cell.angle_gamma   90.000
#
_symmetry.space_group_name_H-M   'P 21 21 21'
#
loop_
_entity.id
_entity.type
_entity.pdbx_description
1 polymer '14-3-3 protein zeta/delta'
2 non-polymer '[2-[2-oxidanylidene-2-[[3-[3-[2-[2-[3-[[4-[2-(2-phosphonophenoxy)ethanoylamino]phenyl]carbonylamino]propoxy]ethoxy]ethoxy]propylcarbamoyl]phenyl]amino]ethoxy]phenyl]phosphonic acid'
3 non-polymer 'BENZOIC ACID'
4 non-polymer GLYCEROL
5 non-polymer 'CALCIUM ION'
6 non-polymer 'CHLORIDE ION'
7 water water
#
_entity_poly.entity_id   1
_entity_poly.type   'polypeptide(L)'
_entity_poly.pdbx_seq_one_letter_code
;MDKNELVQKAKLAEQAERYDDMAACMKSVTEQGAELSNEERNLLSVAYKNVVGARRSSWRVVSSIEQKTEGAEKKQQMAR
EYREKIETELRDICNDVLSLLEKFLIPNASQAESKVFYLKMKGDYYRYLAEVAAGDDKKGIVDQSQQAYQEAFEISKKEM
QPTHPIRLGLALNFSVFYYEILNSPEKACSLAKTAFDEAIAELDTLSEESYKDSTLIMQLLRDNLTLWTS
;
_entity_poly.pdbx_strand_id   A,B
#
# COMPACT_ATOMS: atom_id res chain seq x y z
N MET A 1 -6.24 -15.77 -21.38
CA MET A 1 -6.21 -14.28 -21.53
C MET A 1 -5.37 -13.84 -22.73
N ASP A 2 -6.01 -13.19 -23.71
CA ASP A 2 -5.31 -12.64 -24.89
C ASP A 2 -4.92 -11.16 -24.66
N LYS A 3 -4.16 -10.58 -25.60
CA LYS A 3 -3.52 -9.27 -25.43
C LYS A 3 -4.44 -8.16 -24.89
N ASN A 4 -5.48 -7.82 -25.64
CA ASN A 4 -6.40 -6.73 -25.26
C ASN A 4 -7.03 -6.97 -23.90
N GLU A 5 -7.37 -8.23 -23.61
CA GLU A 5 -7.98 -8.66 -22.35
C GLU A 5 -7.00 -8.47 -21.17
N LEU A 6 -5.74 -8.87 -21.36
CA LEU A 6 -4.69 -8.66 -20.36
C LEU A 6 -4.43 -7.17 -20.05
N VAL A 7 -4.55 -6.32 -21.06
CA VAL A 7 -4.40 -4.87 -20.91
C VAL A 7 -5.57 -4.27 -20.11
N GLN A 8 -6.80 -4.72 -20.37
CA GLN A 8 -7.96 -4.27 -19.58
C GLN A 8 -7.88 -4.75 -18.13
N LYS A 9 -7.36 -5.96 -17.92
CA LYS A 9 -7.09 -6.49 -16.57
C LYS A 9 -6.08 -5.63 -15.82
N ALA A 10 -4.97 -5.31 -16.50
CA ALA A 10 -3.94 -4.43 -15.95
C ALA A 10 -4.52 -3.08 -15.53
N LYS A 11 -5.40 -2.54 -16.35
CA LYS A 11 -6.11 -1.29 -16.02
C LYS A 11 -7.05 -1.42 -14.82
N LEU A 12 -7.71 -2.56 -14.68
CA LEU A 12 -8.54 -2.84 -13.48
C LEU A 12 -7.68 -2.93 -12.22
N ALA A 13 -6.63 -3.71 -12.31
CA ALA A 13 -5.64 -3.87 -11.23
C ALA A 13 -5.07 -2.52 -10.78
N GLU A 14 -4.75 -1.64 -11.74
CA GLU A 14 -4.29 -0.27 -11.44
C GLU A 14 -5.31 0.49 -10.61
N GLN A 15 -6.57 0.44 -11.03
CA GLN A 15 -7.66 1.12 -10.31
C GLN A 15 -7.83 0.56 -8.91
N ALA A 16 -7.68 -0.76 -8.78
CA ALA A 16 -7.73 -1.45 -7.47
C ALA A 16 -6.47 -1.28 -6.60
N GLU A 17 -5.43 -0.64 -7.12
CA GLU A 17 -4.12 -0.52 -6.48
C GLU A 17 -3.52 -1.89 -6.12
N ARG A 18 -3.74 -2.86 -7.02
CA ARG A 18 -3.22 -4.21 -6.87
C ARG A 18 -2.12 -4.34 -7.92
N TYR A 19 -0.97 -3.78 -7.59
CA TYR A 19 0.10 -3.56 -8.57
C TYR A 19 0.87 -4.83 -8.96
N ASP A 20 0.95 -5.81 -8.05
CA ASP A 20 1.54 -7.12 -8.39
C ASP A 20 0.71 -7.80 -9.49
N ASP A 21 -0.62 -7.74 -9.37
CA ASP A 21 -1.53 -8.22 -10.43
C ASP A 21 -1.32 -7.44 -11.73
N MET A 22 -1.20 -6.12 -11.61
CA MET A 22 -0.95 -5.24 -12.76
C MET A 22 0.36 -5.60 -13.46
N ALA A 23 1.42 -5.83 -12.68
CA ALA A 23 2.73 -6.21 -13.22
C ALA A 23 2.69 -7.57 -13.92
N ALA A 24 2.01 -8.53 -13.32
CA ALA A 24 1.84 -9.86 -13.91
C ALA A 24 1.16 -9.81 -15.28
N CYS A 25 0.14 -8.95 -15.39
CA CYS A 25 -0.59 -8.78 -16.65
C CYS A 25 0.31 -8.20 -17.75
N MET A 26 0.99 -7.10 -17.45
CA MET A 26 1.85 -6.43 -18.44
C MET A 26 3.12 -7.21 -18.77
N LYS A 27 3.60 -8.01 -17.82
CA LYS A 27 4.67 -8.97 -18.11
C LYS A 27 4.22 -9.96 -19.19
N SER A 28 2.99 -10.47 -19.07
CA SER A 28 2.44 -11.42 -20.04
C SER A 28 2.25 -10.79 -21.43
N VAL A 29 1.74 -9.56 -21.45
CA VAL A 29 1.61 -8.79 -22.71
C VAL A 29 2.97 -8.62 -23.39
N THR A 30 3.98 -8.23 -22.60
CA THR A 30 5.35 -8.07 -23.08
C THR A 30 5.92 -9.36 -23.65
N GLU A 31 5.67 -10.48 -22.97
CA GLU A 31 6.16 -11.80 -23.39
C GLU A 31 5.53 -12.36 -24.69
N GLN A 32 4.41 -11.79 -25.14
CA GLN A 32 3.84 -12.10 -26.46
C GLN A 32 4.70 -11.58 -27.63
N GLY A 33 5.70 -10.74 -27.34
CA GLY A 33 6.77 -10.44 -28.30
C GLY A 33 6.52 -9.30 -29.27
N ALA A 34 5.30 -8.76 -29.29
CA ALA A 34 4.99 -7.60 -30.12
C ALA A 34 5.41 -6.32 -29.39
N GLU A 35 5.82 -5.32 -30.17
CA GLU A 35 6.20 -4.01 -29.63
C GLU A 35 5.01 -3.37 -28.89
N LEU A 36 5.27 -2.91 -27.67
CA LEU A 36 4.23 -2.33 -26.83
C LEU A 36 3.80 -0.97 -27.36
N SER A 37 2.50 -0.70 -27.31
CA SER A 37 1.98 0.64 -27.59
C SER A 37 2.44 1.61 -26.49
N ASN A 38 2.26 2.91 -26.72
CA ASN A 38 2.62 3.92 -25.73
C ASN A 38 1.84 3.72 -24.43
N GLU A 39 0.56 3.41 -24.55
CA GLU A 39 -0.30 3.09 -23.41
C GLU A 39 0.23 1.88 -22.62
N GLU A 40 0.58 0.81 -23.34
CA GLU A 40 1.06 -0.43 -22.73
C GLU A 40 2.42 -0.24 -22.04
N ARG A 41 3.30 0.52 -22.69
CA ARG A 41 4.59 0.90 -22.13
C ARG A 41 4.44 1.59 -20.78
N ASN A 42 3.52 2.56 -20.69
CA ASN A 42 3.25 3.29 -19.45
C ASN A 42 2.62 2.40 -18.36
N LEU A 43 1.69 1.52 -18.75
CA LEU A 43 1.12 0.56 -17.80
C LEU A 43 2.19 -0.35 -17.19
N LEU A 44 3.06 -0.90 -18.03
CA LEU A 44 4.19 -1.71 -17.54
C LEU A 44 5.05 -0.94 -16.55
N SER A 45 5.44 0.28 -16.94
CA SER A 45 6.31 1.12 -16.13
C SER A 45 5.68 1.48 -14.78
N VAL A 46 4.41 1.89 -14.80
CA VAL A 46 3.67 2.22 -13.57
C VAL A 46 3.55 1.00 -12.65
N ALA A 47 3.22 -0.15 -13.22
CA ALA A 47 3.10 -1.39 -12.45
C ALA A 47 4.38 -1.68 -11.67
N TYR A 48 5.48 -1.82 -12.40
CA TYR A 48 6.74 -2.23 -11.78
C TYR A 48 7.34 -1.17 -10.87
N LYS A 49 7.14 0.11 -11.21
CA LYS A 49 7.52 1.23 -10.35
C LYS A 49 6.93 1.10 -8.94
N ASN A 50 5.63 0.77 -8.89
CA ASN A 50 4.93 0.58 -7.63
C ASN A 50 5.28 -0.73 -6.92
N VAL A 51 5.52 -1.78 -7.69
CA VAL A 51 5.91 -3.08 -7.12
C VAL A 51 7.30 -2.95 -6.48
N VAL A 52 8.26 -2.42 -7.23
CA VAL A 52 9.63 -2.24 -6.70
C VAL A 52 9.67 -1.14 -5.62
N GLY A 53 8.88 -0.08 -5.82
CA GLY A 53 8.81 1.05 -4.91
C GLY A 53 8.41 0.69 -3.50
N ALA A 54 7.42 -0.20 -3.36
CA ALA A 54 7.00 -0.70 -2.06
C ALA A 54 8.17 -1.36 -1.30
N ARG A 55 8.96 -2.16 -2.00
CA ARG A 55 10.12 -2.83 -1.39
C ARG A 55 11.25 -1.84 -1.06
N ARG A 56 11.51 -0.90 -1.96
CA ARG A 56 12.50 0.15 -1.73
C ARG A 56 12.16 0.95 -0.46
N SER A 57 10.92 1.41 -0.38
CA SER A 57 10.43 2.13 0.80
C SER A 57 10.61 1.32 2.08
N SER A 58 10.20 0.05 2.06
CA SER A 58 10.37 -0.86 3.19
C SER A 58 11.85 -1.05 3.55
N TRP A 59 12.68 -1.27 2.53
CA TRP A 59 14.13 -1.44 2.72
C TRP A 59 14.77 -0.26 3.44
N ARG A 60 14.39 0.96 3.05
CA ARG A 60 14.93 2.17 3.66
C ARG A 60 14.57 2.31 5.13
N VAL A 61 13.35 1.93 5.50
CA VAL A 61 12.91 1.95 6.90
C VAL A 61 13.70 0.92 7.72
N VAL A 62 13.78 -0.31 7.22
CA VAL A 62 14.40 -1.42 7.94
C VAL A 62 15.93 -1.25 8.03
N SER A 63 16.54 -0.74 6.97
CA SER A 63 17.98 -0.41 6.97
C SER A 63 18.30 0.74 7.92
N SER A 64 17.39 1.71 8.03
CA SER A 64 17.53 2.84 8.95
C SER A 64 17.42 2.40 10.42
N ILE A 65 16.48 1.50 10.71
CA ILE A 65 16.32 0.95 12.06
C ILE A 65 17.55 0.12 12.47
N GLU A 66 18.03 -0.73 11.55
CA GLU A 66 19.21 -1.57 11.78
C GLU A 66 20.41 -0.77 12.32
N GLN A 67 20.68 0.37 11.69
CA GLN A 67 21.85 1.18 12.01
C GLN A 67 21.58 2.32 13.02
N LYS A 68 20.32 2.55 13.35
CA LYS A 68 19.93 3.43 14.46
C LYS A 68 19.81 2.70 15.80
N THR A 69 20.19 1.42 15.84
CA THR A 69 20.26 0.65 17.10
C THR A 69 21.70 0.21 17.36
N GLU A 70 22.43 1.02 18.14
CA GLU A 70 23.80 0.71 18.53
C GLU A 70 23.81 -0.37 19.61
N GLY A 71 24.43 -1.51 19.30
CA GLY A 71 24.40 -2.68 20.17
C GLY A 71 23.08 -3.42 20.06
N ALA A 72 22.72 -4.15 21.12
CA ALA A 72 21.51 -4.99 21.16
C ALA A 72 21.48 -5.97 19.99
N GLU A 73 22.40 -6.92 20.03
CA GLU A 73 22.68 -7.82 18.90
C GLU A 73 21.54 -8.75 18.49
N LYS A 74 20.56 -8.97 19.36
CA LYS A 74 19.35 -9.73 19.03
C LYS A 74 18.44 -8.96 18.06
N LYS A 75 18.21 -7.68 18.36
CA LYS A 75 17.37 -6.81 17.53
C LYS A 75 18.04 -6.41 16.20
N GLN A 76 19.35 -6.17 16.23
CA GLN A 76 20.12 -5.89 15.01
C GLN A 76 20.14 -7.06 14.02
N GLN A 77 20.34 -8.27 14.54
CA GLN A 77 20.29 -9.50 13.72
C GLN A 77 18.95 -9.68 13.03
N MET A 78 17.87 -9.37 13.75
CA MET A 78 16.51 -9.47 13.23
C MET A 78 16.29 -8.49 12.08
N ALA A 79 16.64 -7.22 12.31
CA ALA A 79 16.56 -6.19 11.27
C ALA A 79 17.41 -6.54 10.05
N ARG A 80 18.63 -7.02 10.29
CA ARG A 80 19.52 -7.49 9.22
C ARG A 80 18.86 -8.60 8.40
N GLU A 81 18.31 -9.60 9.09
CA GLU A 81 17.63 -10.71 8.43
C GLU A 81 16.38 -10.28 7.66
N TYR A 82 15.63 -9.33 8.22
CA TYR A 82 14.43 -8.80 7.55
C TYR A 82 14.80 -7.93 6.35
N ARG A 83 15.87 -7.13 6.48
CA ARG A 83 16.41 -6.37 5.35
C ARG A 83 16.75 -7.32 4.21
N GLU A 84 17.53 -8.36 4.52
CA GLU A 84 17.92 -9.39 3.53
C GLU A 84 16.73 -10.08 2.85
N LYS A 85 15.69 -10.38 3.64
CA LYS A 85 14.43 -10.92 3.10
C LYS A 85 13.81 -9.96 2.08
N ILE A 86 13.73 -8.68 2.45
CA ILE A 86 13.22 -7.63 1.57
C ILE A 86 14.11 -7.45 0.32
N GLU A 87 15.42 -7.53 0.51
CA GLU A 87 16.38 -7.40 -0.60
C GLU A 87 16.20 -8.48 -1.65
N THR A 88 15.97 -9.72 -1.21
CA THR A 88 15.73 -10.85 -2.13
C THR A 88 14.48 -10.59 -2.99
N GLU A 89 13.40 -10.13 -2.36
CA GLU A 89 12.19 -9.73 -3.08
C GLU A 89 12.47 -8.62 -4.09
N LEU A 90 13.26 -7.63 -3.69
CA LEU A 90 13.59 -6.48 -4.54
C LEU A 90 14.46 -6.88 -5.74
N ARG A 91 15.48 -7.70 -5.49
CA ARG A 91 16.36 -8.21 -6.56
C ARG A 91 15.60 -9.02 -7.60
N ASP A 92 14.68 -9.87 -7.16
CA ASP A 92 13.87 -10.68 -8.08
C ASP A 92 12.94 -9.84 -8.95
N ILE A 93 12.38 -8.76 -8.38
CA ILE A 93 11.59 -7.79 -9.15
C ILE A 93 12.45 -7.12 -10.21
N CYS A 94 13.59 -6.56 -9.79
CA CYS A 94 14.50 -5.87 -10.70
C CYS A 94 15.02 -6.79 -11.81
N ASN A 95 15.38 -8.02 -11.46
CA ASN A 95 15.83 -8.99 -12.46
C ASN A 95 14.73 -9.42 -13.45
N ASP A 96 13.47 -9.47 -13.00
CA ASP A 96 12.35 -9.71 -13.92
C ASP A 96 12.17 -8.58 -14.93
N VAL A 97 12.24 -7.33 -14.46
CA VAL A 97 12.12 -6.16 -15.34
C VAL A 97 13.28 -6.13 -16.32
N LEU A 98 14.50 -6.30 -15.79
CA LEU A 98 15.72 -6.25 -16.59
C LEU A 98 15.79 -7.38 -17.64
N SER A 99 15.21 -8.54 -17.31
CA SER A 99 15.06 -9.64 -18.27
C SER A 99 14.06 -9.29 -19.39
N LEU A 100 12.95 -8.63 -19.04
CA LEU A 100 12.00 -8.15 -20.07
C LEU A 100 12.62 -7.11 -20.99
N LEU A 101 13.46 -6.23 -20.44
CA LEU A 101 14.12 -5.19 -21.22
C LEU A 101 15.12 -5.75 -22.23
N GLU A 102 15.92 -6.73 -21.81
CA GLU A 102 16.89 -7.39 -22.70
C GLU A 102 16.23 -8.23 -23.79
N LYS A 103 15.28 -9.08 -23.39
CA LYS A 103 14.67 -10.06 -24.29
C LYS A 103 13.71 -9.45 -25.30
N PHE A 104 12.86 -8.53 -24.85
CA PHE A 104 11.76 -8.01 -25.67
C PHE A 104 11.84 -6.50 -25.97
N LEU A 105 11.88 -5.68 -24.93
CA LEU A 105 11.55 -4.25 -25.06
C LEU A 105 12.60 -3.42 -25.80
N ILE A 106 13.87 -3.58 -25.45
CA ILE A 106 14.96 -2.80 -26.07
C ILE A 106 15.21 -3.21 -27.55
N PRO A 107 15.32 -4.53 -27.83
CA PRO A 107 15.53 -4.95 -29.23
C PRO A 107 14.41 -4.61 -30.20
N ASN A 108 13.15 -4.70 -29.75
CA ASN A 108 11.99 -4.38 -30.59
C ASN A 108 11.71 -2.87 -30.72
N ALA A 109 12.35 -2.05 -29.88
CA ALA A 109 12.11 -0.60 -29.87
C ALA A 109 12.49 0.02 -31.20
N SER A 110 11.47 0.42 -31.97
CA SER A 110 11.63 0.90 -33.34
C SER A 110 11.63 2.43 -33.48
N GLN A 111 11.42 3.14 -32.37
CA GLN A 111 11.49 4.61 -32.33
C GLN A 111 12.49 5.03 -31.26
N ALA A 112 13.16 6.15 -31.51
CA ALA A 112 14.11 6.73 -30.55
C ALA A 112 13.44 7.01 -29.20
N GLU A 113 12.22 7.54 -29.24
CA GLU A 113 11.42 7.76 -28.03
C GLU A 113 11.33 6.51 -27.16
N SER A 114 10.90 5.41 -27.76
CA SER A 114 10.79 4.13 -27.09
C SER A 114 12.13 3.59 -26.60
N LYS A 115 13.15 3.68 -27.44
CA LYS A 115 14.47 3.14 -27.09
C LYS A 115 15.08 3.89 -25.90
N VAL A 116 14.98 5.22 -25.92
CA VAL A 116 15.45 6.06 -24.81
C VAL A 116 14.69 5.70 -23.53
N PHE A 117 13.37 5.56 -23.63
CA PHE A 117 12.51 5.19 -22.49
C PHE A 117 12.98 3.88 -21.83
N TYR A 118 13.23 2.86 -22.64
CA TYR A 118 13.59 1.53 -22.10
C TYR A 118 15.02 1.47 -21.57
N LEU A 119 15.95 2.15 -22.24
CA LEU A 119 17.33 2.27 -21.74
C LEU A 119 17.38 3.04 -20.42
N LYS A 120 16.61 4.13 -20.32
CA LYS A 120 16.46 4.84 -19.04
C LYS A 120 15.94 3.89 -17.97
N MET A 121 14.91 3.13 -18.32
CA MET A 121 14.33 2.13 -17.44
C MET A 121 15.35 1.09 -17.01
N LYS A 122 16.19 0.64 -17.95
CA LYS A 122 17.29 -0.29 -17.63
C LYS A 122 18.27 0.35 -16.64
N GLY A 123 18.60 1.62 -16.86
CA GLY A 123 19.43 2.37 -15.93
C GLY A 123 18.84 2.47 -14.54
N ASP A 124 17.53 2.69 -14.47
CA ASP A 124 16.82 2.81 -13.19
C ASP A 124 16.86 1.52 -12.39
N TYR A 125 16.55 0.40 -13.03
CA TYR A 125 16.45 -0.86 -12.30
C TYR A 125 17.81 -1.42 -11.89
N TYR A 126 18.86 -1.18 -12.68
CA TYR A 126 20.22 -1.46 -12.22
C TYR A 126 20.64 -0.51 -11.08
N ARG A 127 20.16 0.73 -11.11
CA ARG A 127 20.35 1.64 -9.98
C ARG A 127 19.67 1.15 -8.70
N TYR A 128 18.46 0.59 -8.82
CA TYR A 128 17.77 0.04 -7.64
C TYR A 128 18.52 -1.19 -7.10
N LEU A 129 19.09 -1.99 -7.99
CA LEU A 129 20.00 -3.06 -7.58
C LEU A 129 21.25 -2.49 -6.88
N ALA A 130 21.79 -1.39 -7.42
CA ALA A 130 22.97 -0.73 -6.82
C ALA A 130 22.72 -0.17 -5.41
N GLU A 131 21.53 0.36 -5.16
CA GLU A 131 21.12 0.83 -3.82
C GLU A 131 21.28 -0.24 -2.73
N VAL A 132 21.08 -1.49 -3.14
CA VAL A 132 20.97 -2.65 -2.25
C VAL A 132 22.18 -3.61 -2.35
N ALA A 133 23.15 -3.29 -3.22
CA ALA A 133 24.24 -4.22 -3.52
C ALA A 133 25.34 -4.21 -2.45
N ALA A 134 25.90 -5.40 -2.19
CA ALA A 134 27.06 -5.56 -1.32
C ALA A 134 28.34 -5.29 -2.11
N GLY A 135 29.38 -4.86 -1.40
CA GLY A 135 30.62 -4.32 -2.00
C GLY A 135 31.21 -5.00 -3.23
N ASP A 136 31.22 -6.34 -3.23
CA ASP A 136 31.85 -7.11 -4.31
C ASP A 136 31.15 -6.97 -5.66
N ASP A 137 29.83 -7.15 -5.64
CA ASP A 137 29.00 -7.07 -6.86
C ASP A 137 28.67 -5.65 -7.30
N LYS A 138 28.84 -4.68 -6.40
CA LYS A 138 28.31 -3.31 -6.57
C LYS A 138 28.87 -2.57 -7.78
N LYS A 139 30.19 -2.58 -7.95
CA LYS A 139 30.85 -1.85 -9.04
C LYS A 139 30.37 -2.27 -10.44
N GLY A 140 30.16 -3.57 -10.64
CA GLY A 140 29.62 -4.09 -11.90
C GLY A 140 28.18 -3.66 -12.15
N ILE A 141 27.35 -3.67 -11.11
CA ILE A 141 25.96 -3.22 -11.18
C ILE A 141 25.89 -1.71 -11.47
N VAL A 142 26.75 -0.93 -10.81
CA VAL A 142 26.82 0.52 -11.03
C VAL A 142 27.23 0.87 -12.46
N ASP A 143 28.18 0.13 -13.03
CA ASP A 143 28.60 0.35 -14.42
C ASP A 143 27.50 -0.02 -15.42
N GLN A 144 26.78 -1.12 -15.16
CA GLN A 144 25.61 -1.50 -15.95
C GLN A 144 24.55 -0.38 -15.98
N SER A 145 24.29 0.21 -14.81
CA SER A 145 23.37 1.34 -14.70
C SER A 145 23.87 2.54 -15.50
N GLN A 146 25.14 2.89 -15.32
CA GLN A 146 25.74 4.05 -16.00
C GLN A 146 25.72 3.93 -17.52
N GLN A 147 26.03 2.74 -18.03
CA GLN A 147 26.08 2.51 -19.48
C GLN A 147 24.69 2.57 -20.14
N ALA A 148 23.67 2.07 -19.43
CA ALA A 148 22.29 2.15 -19.91
C ALA A 148 21.86 3.62 -20.00
N TYR A 149 22.06 4.36 -18.92
CA TYR A 149 21.77 5.80 -18.90
C TYR A 149 22.54 6.56 -19.97
N GLN A 150 23.82 6.23 -20.15
CA GLN A 150 24.69 6.93 -21.11
C GLN A 150 24.23 6.72 -22.55
N GLU A 151 23.87 5.49 -22.91
CA GLU A 151 23.36 5.21 -24.26
C GLU A 151 22.03 5.93 -24.51
N ALA A 152 21.14 5.89 -23.51
CA ALA A 152 19.90 6.66 -23.55
C ALA A 152 20.18 8.14 -23.76
N PHE A 153 21.16 8.66 -23.03
CA PHE A 153 21.58 10.06 -23.12
C PHE A 153 22.06 10.44 -24.52
N GLU A 154 22.89 9.60 -25.13
CA GLU A 154 23.41 9.85 -26.50
C GLU A 154 22.27 9.97 -27.51
N ILE A 155 21.32 9.02 -27.42
CA ILE A 155 20.21 8.94 -28.36
C ILE A 155 19.26 10.12 -28.21
N SER A 156 18.90 10.45 -26.97
CA SER A 156 17.99 11.58 -26.72
C SER A 156 18.59 12.91 -27.17
N LYS A 157 19.90 13.07 -26.98
CA LYS A 157 20.61 14.28 -27.41
C LYS A 157 20.58 14.45 -28.93
N LYS A 158 20.77 13.34 -29.65
CA LYS A 158 20.73 13.33 -31.12
C LYS A 158 19.31 13.45 -31.69
N GLU A 159 18.37 12.69 -31.13
CA GLU A 159 17.06 12.48 -31.76
C GLU A 159 15.88 13.29 -31.20
N MET A 160 15.96 13.72 -29.94
CA MET A 160 14.83 14.34 -29.25
C MET A 160 15.09 15.79 -28.89
N GLN A 161 14.02 16.59 -28.83
CA GLN A 161 14.11 17.99 -28.45
C GLN A 161 14.43 18.13 -26.96
N PRO A 162 15.13 19.22 -26.56
CA PRO A 162 15.46 19.42 -25.14
C PRO A 162 14.27 19.52 -24.17
N THR A 163 13.11 19.95 -24.67
CA THR A 163 11.88 20.03 -23.88
C THR A 163 11.07 18.72 -23.83
N HIS A 164 11.51 17.68 -24.53
CA HIS A 164 10.79 16.41 -24.54
C HIS A 164 10.82 15.80 -23.14
N PRO A 165 9.64 15.42 -22.59
CA PRO A 165 9.59 14.92 -21.19
C PRO A 165 10.43 13.67 -20.90
N ILE A 166 10.63 12.82 -21.89
CA ILE A 166 11.50 11.64 -21.73
C ILE A 166 12.97 12.03 -21.70
N ARG A 167 13.38 12.99 -22.53
CA ARG A 167 14.75 13.53 -22.46
C ARG A 167 15.01 14.21 -21.11
N LEU A 168 14.06 15.03 -20.66
CA LEU A 168 14.16 15.70 -19.36
C LEU A 168 14.12 14.72 -18.20
N GLY A 169 13.22 13.75 -18.27
CA GLY A 169 13.12 12.69 -17.27
C GLY A 169 14.38 11.87 -17.13
N LEU A 170 15.04 11.60 -18.25
CA LEU A 170 16.33 10.92 -18.27
C LEU A 170 17.40 11.74 -17.56
N ALA A 171 17.46 13.04 -17.87
CA ALA A 171 18.39 13.94 -17.22
C ALA A 171 18.18 13.99 -15.71
N LEU A 172 16.92 13.98 -15.26
CA LEU A 172 16.60 13.93 -13.83
C LEU A 172 17.14 12.66 -13.17
N ASN A 173 16.82 11.49 -13.74
CA ASN A 173 17.25 10.21 -13.14
C ASN A 173 18.77 9.99 -13.22
N PHE A 174 19.38 10.38 -14.33
CA PHE A 174 20.84 10.24 -14.51
C PHE A 174 21.60 11.16 -13.57
N SER A 175 21.11 12.39 -13.37
CA SER A 175 21.70 13.30 -12.39
C SER A 175 21.58 12.73 -10.98
N VAL A 176 20.42 12.14 -10.67
CA VAL A 176 20.22 11.43 -9.39
C VAL A 176 21.17 10.24 -9.24
N PHE A 177 21.42 9.52 -10.32
CA PHE A 177 22.41 8.42 -10.31
C PHE A 177 23.78 8.95 -9.89
N TYR A 178 24.22 10.03 -10.54
CA TYR A 178 25.51 10.64 -10.22
C TYR A 178 25.61 11.10 -8.77
N TYR A 179 24.55 11.73 -8.25
CA TYR A 179 24.56 12.23 -6.87
C TYR A 179 24.50 11.09 -5.85
N GLU A 180 23.52 10.20 -6.00
CA GLU A 180 23.21 9.19 -4.97
C GLU A 180 24.06 7.92 -5.05
N ILE A 181 24.43 7.50 -6.26
CA ILE A 181 25.16 6.24 -6.44
C ILE A 181 26.66 6.47 -6.61
N LEU A 182 27.03 7.42 -7.46
CA LEU A 182 28.44 7.66 -7.79
C LEU A 182 29.08 8.75 -6.91
N ASN A 183 28.31 9.36 -6.01
CA ASN A 183 28.78 10.42 -5.10
C ASN A 183 29.57 11.52 -5.82
N SER A 184 29.03 11.93 -6.97
CA SER A 184 29.66 12.91 -7.85
C SER A 184 28.76 14.13 -8.03
N PRO A 185 28.56 14.92 -6.95
CA PRO A 185 27.62 16.06 -6.97
C PRO A 185 27.86 17.11 -8.06
N GLU A 186 29.12 17.34 -8.43
CA GLU A 186 29.44 18.31 -9.47
C GLU A 186 28.97 17.86 -10.84
N LYS A 187 29.17 16.58 -11.11
CA LYS A 187 28.67 15.96 -12.34
C LYS A 187 27.13 15.96 -12.37
N ALA A 188 26.52 15.62 -11.24
CA ALA A 188 25.06 15.63 -11.09
C ALA A 188 24.47 17.02 -11.37
N CYS A 189 25.04 18.04 -10.74
CA CYS A 189 24.63 19.44 -10.96
C CYS A 189 24.85 19.90 -12.38
N SER A 190 25.99 19.55 -12.97
CA SER A 190 26.31 19.91 -14.36
C SER A 190 25.29 19.34 -15.34
N LEU A 191 24.97 18.06 -15.18
CA LEU A 191 24.00 17.38 -16.03
C LEU A 191 22.59 18.00 -15.88
N ALA A 192 22.15 18.20 -14.64
CA ALA A 192 20.84 18.82 -14.36
C ALA A 192 20.73 20.24 -14.90
N LYS A 193 21.75 21.06 -14.62
CA LYS A 193 21.77 22.46 -15.07
C LYS A 193 21.75 22.58 -16.60
N THR A 194 22.56 21.76 -17.27
CA THR A 194 22.61 21.74 -18.74
C THR A 194 21.25 21.38 -19.36
N ALA A 195 20.61 20.35 -18.82
CA ALA A 195 19.27 19.93 -19.28
C ALA A 195 18.22 21.02 -19.07
N PHE A 196 18.25 21.66 -17.90
CA PHE A 196 17.36 22.78 -17.60
C PHE A 196 17.57 23.94 -18.58
N ASP A 197 18.82 24.39 -18.71
CA ASP A 197 19.15 25.54 -19.57
C ASP A 197 18.85 25.29 -21.06
N GLU A 198 19.17 24.08 -21.54
CA GLU A 198 18.85 23.72 -22.93
C GLU A 198 17.35 23.69 -23.21
N ALA A 199 16.57 23.26 -22.23
CA ALA A 199 15.10 23.30 -22.33
C ALA A 199 14.57 24.73 -22.32
N ILE A 200 15.13 25.57 -21.45
CA ILE A 200 14.79 27.00 -21.39
C ILE A 200 15.08 27.71 -22.73
N ALA A 201 16.21 27.38 -23.34
CA ALA A 201 16.60 27.96 -24.63
C ALA A 201 15.65 27.57 -25.78
N GLU A 202 15.18 26.32 -25.78
CA GLU A 202 14.32 25.80 -26.84
C GLU A 202 12.85 25.71 -26.44
N LEU A 203 12.32 26.78 -25.83
CA LEU A 203 10.91 26.83 -25.45
C LEU A 203 9.95 27.11 -26.63
N ASP A 204 10.51 27.50 -27.79
CA ASP A 204 9.75 27.60 -29.04
C ASP A 204 9.15 26.24 -29.43
N THR A 205 9.98 25.20 -29.40
CA THR A 205 9.55 23.82 -29.69
C THR A 205 9.00 23.11 -28.44
N LEU A 206 7.70 23.32 -28.18
CA LEU A 206 6.95 22.62 -27.13
C LEU A 206 5.55 22.30 -27.68
N SER A 207 4.75 21.52 -26.94
CA SER A 207 3.40 21.13 -27.36
C SER A 207 2.37 21.45 -26.27
N TYR A 211 4.73 19.67 -22.48
CA TYR A 211 3.90 20.77 -22.02
C TYR A 211 3.89 20.86 -20.47
N LYS A 212 2.93 20.19 -19.82
CA LYS A 212 2.80 20.22 -18.37
C LYS A 212 3.87 19.33 -17.74
N ASP A 213 4.04 18.15 -18.30
CA ASP A 213 5.08 17.21 -17.88
C ASP A 213 6.48 17.81 -17.98
N SER A 214 6.76 18.47 -19.10
CA SER A 214 8.08 19.05 -19.37
C SER A 214 8.47 20.09 -18.33
N THR A 215 7.59 21.08 -18.12
CA THR A 215 7.86 22.14 -17.15
C THR A 215 7.84 21.63 -15.71
N LEU A 216 7.09 20.56 -15.43
CA LEU A 216 7.13 19.93 -14.11
C LEU A 216 8.50 19.30 -13.84
N ILE A 217 9.05 18.60 -14.83
CA ILE A 217 10.36 17.96 -14.70
C ILE A 217 11.47 19.02 -14.60
N MET A 218 11.36 20.10 -15.39
CA MET A 218 12.29 21.23 -15.28
C MET A 218 12.33 21.79 -13.86
N GLN A 219 11.15 21.95 -13.24
CA GLN A 219 11.07 22.37 -11.84
C GLN A 219 11.74 21.39 -10.88
N LEU A 220 11.55 20.10 -11.09
CA LEU A 220 12.24 19.07 -10.30
C LEU A 220 13.77 19.14 -10.48
N LEU A 221 14.22 19.35 -11.71
CA LEU A 221 15.65 19.52 -11.98
C LEU A 221 16.26 20.68 -11.20
N ARG A 222 15.60 21.85 -11.27
CA ARG A 222 16.09 23.02 -10.55
C ARG A 222 16.01 22.86 -9.02
N ASP A 223 14.97 22.18 -8.53
CA ASP A 223 14.86 21.84 -7.10
C ASP A 223 16.06 21.02 -6.60
N ASN A 224 16.50 20.06 -7.41
CA ASN A 224 17.69 19.27 -7.07
C ASN A 224 18.95 20.12 -7.10
N LEU A 225 19.05 21.04 -8.07
CA LEU A 225 20.18 21.98 -8.13
C LEU A 225 20.29 22.83 -6.85
N THR A 226 19.16 23.38 -6.40
CA THR A 226 19.16 24.24 -5.20
C THR A 226 19.45 23.40 -3.95
N LEU A 227 18.87 22.20 -3.86
CA LEU A 227 19.15 21.26 -2.77
C LEU A 227 20.64 20.89 -2.70
N TRP A 228 21.19 20.48 -3.84
CA TRP A 228 22.59 20.04 -3.92
C TRP A 228 23.62 21.18 -3.82
N THR A 229 23.20 22.41 -4.14
CA THR A 229 24.09 23.58 -4.05
C THR A 229 24.36 23.99 -2.60
N SER A 230 23.30 24.07 -1.79
CA SER A 230 23.35 24.57 -0.40
C SER A 230 24.53 24.05 0.43
N MET B 1 10.85 -19.60 17.22
CA MET B 1 9.80 -18.53 17.22
C MET B 1 9.19 -18.32 18.61
N ASP B 2 9.95 -17.64 19.49
CA ASP B 2 9.43 -17.29 20.83
C ASP B 2 8.60 -16.00 20.76
N LYS B 3 7.66 -15.88 21.70
CA LYS B 3 6.67 -14.79 21.72
C LYS B 3 7.27 -13.40 21.53
N ASN B 4 8.31 -13.11 22.31
CA ASN B 4 8.95 -11.80 22.31
C ASN B 4 9.61 -11.45 20.97
N GLU B 5 10.25 -12.44 20.33
CA GLU B 5 10.85 -12.23 18.99
C GLU B 5 9.79 -11.92 17.93
N LEU B 6 8.73 -12.72 17.90
CA LEU B 6 7.62 -12.52 16.97
C LEU B 6 6.97 -11.14 17.10
N VAL B 7 6.82 -10.66 18.34
CA VAL B 7 6.27 -9.32 18.61
C VAL B 7 7.18 -8.22 18.03
N GLN B 8 8.50 -8.35 18.21
CA GLN B 8 9.44 -7.39 17.65
C GLN B 8 9.49 -7.42 16.12
N LYS B 9 9.34 -8.60 15.52
CA LYS B 9 9.20 -8.74 14.06
C LYS B 9 7.94 -8.05 13.53
N ALA B 10 6.83 -8.21 14.25
CA ALA B 10 5.57 -7.53 13.92
C ALA B 10 5.72 -6.01 13.92
N LYS B 11 6.45 -5.48 14.90
CA LYS B 11 6.75 -4.05 14.97
C LYS B 11 7.63 -3.56 13.83
N LEU B 12 8.64 -4.36 13.45
CA LEU B 12 9.46 -4.09 12.25
C LEU B 12 8.61 -4.06 10.99
N ALA B 13 7.79 -5.10 10.82
CA ALA B 13 6.87 -5.21 9.69
C ALA B 13 5.90 -4.02 9.62
N GLU B 14 5.39 -3.59 10.77
CA GLU B 14 4.53 -2.40 10.85
C GLU B 14 5.23 -1.15 10.33
N GLN B 15 6.48 -0.95 10.75
CA GLN B 15 7.28 0.20 10.30
C GLN B 15 7.56 0.12 8.79
N ALA B 16 7.80 -1.10 8.31
CA ALA B 16 7.97 -1.35 6.87
C ALA B 16 6.68 -1.28 6.03
N GLU B 17 5.52 -1.11 6.68
CA GLU B 17 4.21 -1.16 6.01
C GLU B 17 4.00 -2.48 5.25
N ARG B 18 4.48 -3.56 5.85
CA ARG B 18 4.36 -4.91 5.31
C ARG B 18 3.39 -5.65 6.24
N TYR B 19 2.10 -5.39 6.03
CA TYR B 19 1.06 -5.78 6.98
C TYR B 19 0.68 -7.26 6.95
N ASP B 20 0.83 -7.93 5.80
CA ASP B 20 0.69 -9.39 5.72
C ASP B 20 1.68 -10.07 6.65
N ASP B 21 2.96 -9.69 6.56
CA ASP B 21 4.01 -10.18 7.47
C ASP B 21 3.63 -9.92 8.93
N MET B 22 3.18 -8.70 9.21
CA MET B 22 2.77 -8.30 10.55
C MET B 22 1.65 -9.18 11.09
N ALA B 23 0.64 -9.44 10.25
CA ALA B 23 -0.48 -10.28 10.64
C ALA B 23 -0.07 -11.72 10.91
N ALA B 24 0.86 -12.23 10.09
CA ALA B 24 1.38 -13.60 10.25
C ALA B 24 2.13 -13.78 11.56
N CYS B 25 2.95 -12.79 11.93
CA CYS B 25 3.64 -12.77 13.22
C CYS B 25 2.66 -12.78 14.38
N MET B 26 1.67 -11.88 14.35
CA MET B 26 0.68 -11.80 15.44
C MET B 26 -0.31 -12.97 15.46
N LYS B 27 -0.55 -13.57 14.30
CA LYS B 27 -1.30 -14.84 14.23
C LYS B 27 -0.55 -15.93 15.00
N SER B 28 0.76 -16.04 14.76
CA SER B 28 1.62 -16.99 15.46
C SER B 28 1.69 -16.73 16.96
N VAL B 29 1.75 -15.45 17.35
CA VAL B 29 1.74 -15.07 18.77
C VAL B 29 0.45 -15.54 19.43
N THR B 30 -0.68 -15.25 18.79
CA THR B 30 -2.01 -15.64 19.30
C THR B 30 -2.18 -17.16 19.41
N GLU B 31 -1.65 -17.90 18.43
CA GLU B 31 -1.76 -19.36 18.42
C GLU B 31 -0.96 -20.11 19.50
N GLN B 32 -0.01 -19.43 20.16
CA GLN B 32 0.68 -19.98 21.33
C GLN B 32 -0.27 -20.18 22.54
N GLY B 33 -1.40 -19.50 22.54
CA GLY B 33 -2.51 -19.78 23.47
C GLY B 33 -2.56 -18.96 24.74
N ALA B 34 -1.58 -18.08 24.96
CA ALA B 34 -1.55 -17.22 26.13
C ALA B 34 -2.33 -15.92 25.85
N GLU B 35 -2.99 -15.40 26.88
CA GLU B 35 -3.74 -14.14 26.79
C GLU B 35 -2.83 -13.00 26.32
N LEU B 36 -3.25 -12.27 25.29
CA LEU B 36 -2.46 -11.17 24.74
C LEU B 36 -2.50 -9.94 25.65
N SER B 37 -1.37 -9.23 25.71
CA SER B 37 -1.32 -7.92 26.37
C SER B 37 -2.08 -6.87 25.56
N ASN B 38 -2.25 -5.70 26.16
CA ASN B 38 -2.82 -4.56 25.46
C ASN B 38 -2.02 -4.24 24.18
N GLU B 39 -0.69 -4.16 24.32
CA GLU B 39 0.20 -3.93 23.18
C GLU B 39 0.02 -4.96 22.08
N GLU B 40 -0.02 -6.24 22.46
CA GLU B 40 -0.10 -7.34 21.50
C GLU B 40 -1.41 -7.39 20.73
N ARG B 41 -2.53 -7.20 21.43
CA ARG B 41 -3.84 -7.21 20.75
C ARG B 41 -4.00 -6.03 19.79
N ASN B 42 -3.42 -4.88 20.15
CA ASN B 42 -3.39 -3.72 19.27
C ASN B 42 -2.58 -3.99 18.00
N LEU B 43 -1.42 -4.65 18.15
CA LEU B 43 -0.64 -5.07 17.00
C LEU B 43 -1.42 -6.05 16.10
N LEU B 44 -2.07 -7.03 16.70
CA LEU B 44 -2.94 -7.96 15.96
C LEU B 44 -4.05 -7.20 15.23
N SER B 45 -4.71 -6.29 15.94
CA SER B 45 -5.81 -5.53 15.39
C SER B 45 -5.37 -4.65 14.22
N VAL B 46 -4.28 -3.92 14.40
CA VAL B 46 -3.74 -3.02 13.37
C VAL B 46 -3.32 -3.80 12.13
N ALA B 47 -2.65 -4.93 12.35
CA ALA B 47 -2.18 -5.79 11.26
C ALA B 47 -3.36 -6.20 10.37
N TYR B 48 -4.35 -6.82 10.99
CA TYR B 48 -5.49 -7.37 10.23
C TYR B 48 -6.42 -6.31 9.64
N LYS B 49 -6.58 -5.20 10.36
CA LYS B 49 -7.31 -4.03 9.83
C LYS B 49 -6.72 -3.57 8.49
N ASN B 50 -5.39 -3.51 8.42
CA ASN B 50 -4.70 -3.13 7.19
C ASN B 50 -4.72 -4.21 6.11
N VAL B 51 -4.61 -5.47 6.52
CA VAL B 51 -4.65 -6.60 5.57
C VAL B 51 -6.03 -6.68 4.91
N VAL B 52 -7.08 -6.66 5.71
CA VAL B 52 -8.45 -6.67 5.19
C VAL B 52 -8.79 -5.35 4.49
N GLY B 53 -8.25 -4.25 5.01
CA GLY B 53 -8.49 -2.92 4.44
C GLY B 53 -8.12 -2.83 2.97
N ALA B 54 -6.95 -3.34 2.62
CA ALA B 54 -6.48 -3.33 1.24
C ALA B 54 -7.49 -3.97 0.29
N ARG B 55 -8.02 -5.13 0.69
CA ARG B 55 -8.99 -5.87 -0.12
C ARG B 55 -10.35 -5.18 -0.16
N ARG B 56 -10.78 -4.63 0.97
CA ARG B 56 -12.04 -3.87 1.03
C ARG B 56 -12.00 -2.66 0.09
N SER B 57 -10.90 -1.92 0.11
CA SER B 57 -10.74 -0.75 -0.78
C SER B 57 -10.74 -1.17 -2.25
N SER B 58 -9.99 -2.22 -2.57
CA SER B 58 -9.98 -2.80 -3.93
C SER B 58 -11.34 -3.31 -4.36
N TRP B 59 -12.08 -3.94 -3.44
CA TRP B 59 -13.43 -4.44 -3.72
C TRP B 59 -14.39 -3.32 -4.11
N ARG B 60 -14.36 -2.21 -3.35
CA ARG B 60 -15.22 -1.07 -3.64
C ARG B 60 -14.96 -0.42 -5.00
N VAL B 61 -13.70 -0.41 -5.45
CA VAL B 61 -13.36 0.13 -6.77
C VAL B 61 -13.88 -0.78 -7.88
N VAL B 62 -13.57 -2.08 -7.78
CA VAL B 62 -13.92 -3.05 -8.83
C VAL B 62 -15.43 -3.30 -8.88
N SER B 63 -16.10 -3.29 -7.72
CA SER B 63 -17.56 -3.41 -7.64
C SER B 63 -18.26 -2.21 -8.29
N SER B 64 -17.74 -1.00 -8.03
CA SER B 64 -18.26 0.22 -8.64
C SER B 64 -18.10 0.21 -10.16
N ILE B 65 -16.92 -0.17 -10.63
CA ILE B 65 -16.64 -0.32 -12.07
C ILE B 65 -17.58 -1.35 -12.73
N GLU B 66 -17.87 -2.44 -12.02
CA GLU B 66 -18.81 -3.46 -12.53
C GLU B 66 -20.23 -2.89 -12.71
N GLN B 67 -20.68 -2.10 -11.75
CA GLN B 67 -21.99 -1.42 -11.84
C GLN B 67 -22.00 -0.28 -12.89
N LYS B 68 -20.86 0.40 -13.05
CA LYS B 68 -20.75 1.50 -14.01
C LYS B 68 -20.72 1.06 -15.48
N THR B 69 -20.39 -0.19 -15.76
CA THR B 69 -20.48 -0.74 -17.12
C THR B 69 -21.94 -0.96 -17.51
N GLU B 70 -22.47 -0.01 -18.29
CA GLU B 70 -23.89 -0.03 -18.68
C GLU B 70 -24.18 -1.15 -19.68
N GLY B 71 -23.47 -1.11 -20.81
CA GLY B 71 -23.65 -2.11 -21.88
C GLY B 71 -22.30 -2.54 -22.46
N ALA B 72 -21.65 -3.47 -21.74
CA ALA B 72 -20.42 -4.11 -22.21
C ALA B 72 -20.22 -5.42 -21.44
N GLU B 73 -20.78 -6.51 -21.98
CA GLU B 73 -20.79 -7.81 -21.31
C GLU B 73 -19.41 -8.49 -21.18
N LYS B 74 -18.45 -8.07 -22.00
CA LYS B 74 -17.08 -8.62 -21.95
C LYS B 74 -16.29 -7.96 -20.82
N LYS B 75 -16.38 -6.64 -20.73
CA LYS B 75 -15.77 -5.87 -19.62
C LYS B 75 -16.45 -6.11 -18.27
N GLN B 76 -17.75 -6.36 -18.27
CA GLN B 76 -18.51 -6.59 -17.02
C GLN B 76 -18.21 -7.97 -16.42
N GLN B 77 -18.08 -8.99 -17.25
CA GLN B 77 -17.70 -10.34 -16.80
C GLN B 77 -16.28 -10.33 -16.20
N MET B 78 -15.41 -9.54 -16.80
CA MET B 78 -14.04 -9.32 -16.29
C MET B 78 -14.04 -8.69 -14.90
N ALA B 79 -14.75 -7.57 -14.75
CA ALA B 79 -14.89 -6.88 -13.48
C ALA B 79 -15.50 -7.77 -12.40
N ARG B 80 -16.52 -8.55 -12.78
CA ARG B 80 -17.17 -9.50 -11.87
C ARG B 80 -16.20 -10.59 -11.40
N GLU B 81 -15.49 -11.21 -12.34
CA GLU B 81 -14.54 -12.26 -12.01
C GLU B 81 -13.36 -11.78 -11.15
N TYR B 82 -12.97 -10.51 -11.32
CA TYR B 82 -11.91 -9.91 -10.52
C TYR B 82 -12.42 -9.56 -9.12
N ARG B 83 -13.62 -9.00 -9.04
CA ARG B 83 -14.31 -8.80 -7.75
C ARG B 83 -14.40 -10.11 -6.96
N GLU B 84 -14.80 -11.18 -7.64
CA GLU B 84 -14.91 -12.51 -7.00
C GLU B 84 -13.57 -13.02 -6.48
N LYS B 85 -12.51 -12.80 -7.25
CA LYS B 85 -11.14 -13.15 -6.81
C LYS B 85 -10.74 -12.38 -5.55
N ILE B 86 -11.07 -11.08 -5.54
CA ILE B 86 -10.82 -10.20 -4.40
C ILE B 86 -11.66 -10.61 -3.19
N GLU B 87 -12.93 -10.98 -3.43
CA GLU B 87 -13.84 -11.46 -2.38
C GLU B 87 -13.32 -12.69 -1.66
N THR B 88 -12.76 -13.64 -2.41
CA THR B 88 -12.26 -14.89 -1.79
C THR B 88 -11.05 -14.62 -0.89
N GLU B 89 -10.15 -13.75 -1.33
CA GLU B 89 -9.06 -13.26 -0.47
C GLU B 89 -9.60 -12.62 0.82
N LEU B 90 -10.64 -11.80 0.65
CA LEU B 90 -11.26 -11.05 1.76
C LEU B 90 -11.91 -11.99 2.79
N ARG B 91 -12.69 -12.96 2.30
CA ARG B 91 -13.33 -13.95 3.18
C ARG B 91 -12.33 -14.79 3.95
N ASP B 92 -11.26 -15.23 3.28
CA ASP B 92 -10.21 -16.02 3.92
C ASP B 92 -9.51 -15.24 5.06
N ILE B 93 -9.34 -13.93 4.88
CA ILE B 93 -8.77 -13.07 5.92
C ILE B 93 -9.72 -12.93 7.11
N CYS B 94 -10.98 -12.62 6.83
CA CYS B 94 -12.00 -12.50 7.87
C CYS B 94 -12.17 -13.78 8.68
N ASN B 95 -12.20 -14.92 7.98
CA ASN B 95 -12.33 -16.23 8.64
C ASN B 95 -11.09 -16.61 9.47
N ASP B 96 -9.90 -16.23 9.01
CA ASP B 96 -8.68 -16.33 9.83
C ASP B 96 -8.87 -15.62 11.16
N VAL B 97 -9.28 -14.35 11.09
CA VAL B 97 -9.43 -13.50 12.28
C VAL B 97 -10.51 -14.03 13.20
N LEU B 98 -11.67 -14.33 12.62
CA LEU B 98 -12.80 -14.87 13.38
C LEU B 98 -12.48 -16.20 14.07
N SER B 99 -11.64 -17.01 13.44
CA SER B 99 -11.18 -18.27 14.03
C SER B 99 -10.25 -18.01 15.23
N LEU B 100 -9.35 -17.03 15.11
CA LEU B 100 -8.51 -16.62 16.24
C LEU B 100 -9.36 -16.10 17.40
N LEU B 101 -10.43 -15.36 17.08
CA LEU B 101 -11.34 -14.84 18.10
C LEU B 101 -12.10 -15.94 18.86
N GLU B 102 -12.63 -16.92 18.15
CA GLU B 102 -13.35 -18.03 18.80
C GLU B 102 -12.43 -18.97 19.58
N LYS B 103 -11.31 -19.35 18.97
CA LYS B 103 -10.43 -20.37 19.53
C LYS B 103 -9.57 -19.89 20.70
N PHE B 104 -9.05 -18.65 20.61
CA PHE B 104 -8.06 -18.13 21.56
C PHE B 104 -8.44 -16.86 22.31
N LEU B 105 -8.84 -15.82 21.59
CA LEU B 105 -8.94 -14.46 22.15
C LEU B 105 -10.14 -14.26 23.09
N ILE B 106 -11.34 -14.60 22.63
CA ILE B 106 -12.54 -14.42 23.47
C ILE B 106 -12.54 -15.32 24.73
N PRO B 107 -12.19 -16.63 24.58
CA PRO B 107 -12.06 -17.52 25.76
C PRO B 107 -11.07 -17.06 26.85
N ASN B 108 -9.87 -16.63 26.44
CA ASN B 108 -8.83 -16.17 27.39
C ASN B 108 -8.99 -14.73 27.90
N ALA B 109 -9.99 -13.98 27.43
CA ALA B 109 -10.19 -12.60 27.84
C ALA B 109 -10.61 -12.52 29.32
N SER B 110 -9.66 -12.15 30.18
CA SER B 110 -9.86 -12.14 31.63
C SER B 110 -10.49 -10.86 32.18
N GLN B 111 -10.62 -9.82 31.34
CA GLN B 111 -11.14 -8.52 31.79
C GLN B 111 -12.25 -8.06 30.86
N ALA B 112 -13.16 -7.23 31.40
CA ALA B 112 -14.29 -6.69 30.62
C ALA B 112 -13.82 -5.92 29.41
N GLU B 113 -12.80 -5.08 29.61
CA GLU B 113 -12.17 -4.29 28.56
C GLU B 113 -11.74 -5.11 27.36
N SER B 114 -11.04 -6.22 27.62
CA SER B 114 -10.57 -7.10 26.55
C SER B 114 -11.73 -7.89 25.93
N LYS B 115 -12.71 -8.30 26.74
CA LYS B 115 -13.95 -8.91 26.24
C LYS B 115 -14.66 -8.02 25.23
N VAL B 116 -14.86 -6.76 25.60
CA VAL B 116 -15.50 -5.77 24.72
C VAL B 116 -14.69 -5.59 23.45
N PHE B 117 -13.37 -5.42 23.60
CA PHE B 117 -12.45 -5.24 22.46
C PHE B 117 -12.58 -6.36 21.44
N TYR B 118 -12.56 -7.60 21.91
CA TYR B 118 -12.62 -8.76 21.02
C TYR B 118 -14.00 -8.99 20.42
N LEU B 119 -15.06 -8.68 21.17
CA LEU B 119 -16.42 -8.78 20.65
C LEU B 119 -16.72 -7.71 19.59
N LYS B 120 -16.20 -6.50 19.79
CA LYS B 120 -16.23 -5.45 18.77
C LYS B 120 -15.56 -5.96 17.50
N MET B 121 -14.36 -6.51 17.68
CA MET B 121 -13.57 -7.07 16.59
C MET B 121 -14.36 -8.16 15.84
N LYS B 122 -15.04 -9.03 16.58
CA LYS B 122 -15.89 -10.07 15.98
C LYS B 122 -17.01 -9.43 15.15
N GLY B 123 -17.66 -8.44 15.73
CA GLY B 123 -18.64 -7.63 15.02
C GLY B 123 -18.11 -7.02 13.74
N ASP B 124 -16.91 -6.45 13.80
CA ASP B 124 -16.27 -5.84 12.62
C ASP B 124 -16.03 -6.83 11.50
N TYR B 125 -15.48 -7.99 11.81
CA TYR B 125 -15.09 -8.93 10.76
C TYR B 125 -16.27 -9.68 10.14
N TYR B 126 -17.33 -9.94 10.92
CA TYR B 126 -18.60 -10.39 10.34
C TYR B 126 -19.26 -9.30 9.50
N ARG B 127 -19.13 -8.04 9.93
CA ARG B 127 -19.62 -6.90 9.13
C ARG B 127 -18.91 -6.82 7.76
N TYR B 128 -17.61 -7.07 7.73
CA TYR B 128 -16.87 -7.07 6.46
C TYR B 128 -17.29 -8.24 5.56
N LEU B 129 -17.58 -9.40 6.15
CA LEU B 129 -18.21 -10.50 5.42
C LEU B 129 -19.60 -10.10 4.90
N ALA B 130 -20.37 -9.39 5.71
CA ALA B 130 -21.70 -8.92 5.31
C ALA B 130 -21.69 -7.96 4.13
N GLU B 131 -20.69 -7.06 4.09
CA GLU B 131 -20.48 -6.15 2.94
C GLU B 131 -20.37 -6.89 1.60
N VAL B 132 -19.77 -8.07 1.65
CA VAL B 132 -19.43 -8.89 0.48
C VAL B 132 -20.41 -10.08 0.28
N ALA B 133 -21.42 -10.20 1.13
CA ALA B 133 -22.31 -11.38 1.13
C ALA B 133 -23.44 -11.25 0.11
N ALA B 134 -23.74 -12.36 -0.56
CA ALA B 134 -24.93 -12.50 -1.41
C ALA B 134 -26.11 -13.02 -0.57
N GLY B 135 -27.33 -12.72 -1.03
CA GLY B 135 -28.58 -12.94 -0.28
C GLY B 135 -28.75 -14.18 0.59
N ASP B 136 -28.27 -15.33 0.12
CA ASP B 136 -28.44 -16.61 0.83
C ASP B 136 -27.84 -16.59 2.24
N ASP B 137 -26.55 -16.29 2.31
CA ASP B 137 -25.79 -16.31 3.56
C ASP B 137 -25.97 -15.03 4.40
N LYS B 138 -26.28 -13.92 3.74
CA LYS B 138 -26.21 -12.58 4.35
C LYS B 138 -26.98 -12.41 5.67
N LYS B 139 -28.20 -12.91 5.73
CA LYS B 139 -29.04 -12.79 6.94
C LYS B 139 -28.32 -13.38 8.17
N GLY B 140 -27.75 -14.56 8.00
CA GLY B 140 -26.97 -15.23 9.05
C GLY B 140 -25.66 -14.53 9.41
N ILE B 141 -24.98 -13.97 8.40
CA ILE B 141 -23.74 -13.21 8.63
C ILE B 141 -24.05 -11.92 9.39
N VAL B 142 -25.07 -11.19 8.92
CA VAL B 142 -25.52 -9.94 9.54
C VAL B 142 -25.94 -10.13 11.01
N ASP B 143 -26.62 -11.24 11.30
CA ASP B 143 -27.09 -11.52 12.67
C ASP B 143 -25.93 -11.80 13.63
N GLN B 144 -24.91 -12.51 13.14
CA GLN B 144 -23.70 -12.76 13.94
C GLN B 144 -22.91 -11.47 14.22
N SER B 145 -22.86 -10.57 13.25
CA SER B 145 -22.25 -9.25 13.46
C SER B 145 -22.99 -8.51 14.55
N GLN B 146 -24.30 -8.41 14.41
CA GLN B 146 -25.15 -7.68 15.37
C GLN B 146 -25.08 -8.25 16.78
N GLN B 147 -25.09 -9.58 16.90
CA GLN B 147 -25.01 -10.24 18.22
C GLN B 147 -23.66 -10.01 18.91
N ALA B 148 -22.58 -10.00 18.13
CA ALA B 148 -21.25 -9.69 18.66
C ALA B 148 -21.22 -8.25 19.20
N TYR B 149 -21.65 -7.30 18.38
CA TYR B 149 -21.71 -5.89 18.79
C TYR B 149 -22.61 -5.68 19.99
N GLN B 150 -23.79 -6.31 19.97
CA GLN B 150 -24.80 -6.13 21.02
C GLN B 150 -24.28 -6.58 22.38
N GLU B 151 -23.63 -7.73 22.44
CA GLU B 151 -23.01 -8.23 23.68
C GLU B 151 -21.90 -7.29 24.14
N ALA B 152 -21.05 -6.85 23.22
CA ALA B 152 -20.01 -5.85 23.52
C ALA B 152 -20.63 -4.56 24.07
N PHE B 153 -21.72 -4.13 23.44
CA PHE B 153 -22.41 -2.88 23.81
C PHE B 153 -22.91 -2.94 25.26
N GLU B 154 -23.53 -4.06 25.62
CA GLU B 154 -24.06 -4.27 26.97
C GLU B 154 -22.97 -4.32 28.05
N ILE B 155 -21.88 -5.04 27.76
CA ILE B 155 -20.75 -5.11 28.69
C ILE B 155 -20.10 -3.73 28.87
N SER B 156 -19.95 -2.98 27.78
CA SER B 156 -19.32 -1.65 27.84
C SER B 156 -20.14 -0.64 28.63
N LYS B 157 -21.45 -0.65 28.47
CA LYS B 157 -22.36 0.22 29.25
C LYS B 157 -22.28 -0.06 30.75
N LYS B 158 -22.16 -1.34 31.10
CA LYS B 158 -22.10 -1.74 32.51
C LYS B 158 -20.74 -1.46 33.15
N GLU B 159 -19.65 -1.75 32.43
CA GLU B 159 -18.30 -1.79 33.01
C GLU B 159 -17.36 -0.61 32.70
N MET B 160 -17.66 0.18 31.67
CA MET B 160 -16.77 1.27 31.22
C MET B 160 -17.44 2.63 31.30
N GLN B 161 -16.62 3.67 31.51
CA GLN B 161 -17.10 5.05 31.50
C GLN B 161 -17.47 5.48 30.07
N PRO B 162 -18.41 6.45 29.93
CA PRO B 162 -18.79 7.00 28.61
C PRO B 162 -17.63 7.56 27.77
N THR B 163 -16.56 8.04 28.42
CA THR B 163 -15.39 8.56 27.72
C THR B 163 -14.31 7.51 27.42
N HIS B 164 -14.54 6.24 27.74
CA HIS B 164 -13.54 5.20 27.46
C HIS B 164 -13.43 4.98 25.95
N PRO B 165 -12.21 5.00 25.39
CA PRO B 165 -12.07 4.93 23.93
C PRO B 165 -12.64 3.66 23.29
N ILE B 166 -12.56 2.53 23.99
CA ILE B 166 -13.11 1.26 23.51
C ILE B 166 -14.64 1.30 23.47
N ARG B 167 -15.27 1.87 24.51
CA ARG B 167 -16.71 2.07 24.52
C ARG B 167 -17.17 2.99 23.39
N LEU B 168 -16.47 4.11 23.22
CA LEU B 168 -16.77 5.07 22.14
C LEU B 168 -16.53 4.48 20.75
N GLY B 169 -15.42 3.77 20.60
CA GLY B 169 -15.10 3.11 19.33
C GLY B 169 -16.13 2.05 18.96
N LEU B 170 -16.64 1.35 19.97
CA LEU B 170 -17.73 0.40 19.75
C LEU B 170 -18.99 1.10 19.27
N ALA B 171 -19.37 2.18 19.97
CA ALA B 171 -20.51 3.01 19.56
C ALA B 171 -20.38 3.46 18.11
N LEU B 172 -19.19 3.92 17.73
CA LEU B 172 -18.92 4.34 16.35
C LEU B 172 -19.15 3.21 15.35
N ASN B 173 -18.52 2.06 15.58
CA ASN B 173 -18.63 0.93 14.63
C ASN B 173 -20.02 0.31 14.59
N PHE B 174 -20.69 0.26 15.74
CA PHE B 174 -22.04 -0.30 15.84
C PHE B 174 -23.06 0.62 15.13
N SER B 175 -22.87 1.93 15.25
CA SER B 175 -23.70 2.90 14.53
C SER B 175 -23.49 2.76 13.01
N VAL B 176 -22.24 2.55 12.60
CA VAL B 176 -21.93 2.30 11.18
C VAL B 176 -22.58 1.01 10.68
N PHE B 177 -22.58 -0.03 11.52
CA PHE B 177 -23.27 -1.29 11.20
C PHE B 177 -24.76 -1.02 10.93
N TYR B 178 -25.42 -0.33 11.85
CA TYR B 178 -26.84 0.02 11.67
C TYR B 178 -27.09 0.83 10.39
N TYR B 179 -26.24 1.80 10.09
CA TYR B 179 -26.41 2.64 8.90
C TYR B 179 -26.13 1.89 7.59
N GLU B 180 -25.00 1.21 7.52
CA GLU B 180 -24.50 0.63 6.25
C GLU B 180 -24.98 -0.79 5.99
N ILE B 181 -25.22 -1.58 7.03
CA ILE B 181 -25.56 -3.00 6.87
C ILE B 181 -27.07 -3.23 7.01
N LEU B 182 -27.68 -2.71 8.07
CA LEU B 182 -29.13 -2.87 8.29
C LEU B 182 -30.00 -1.77 7.65
N ASN B 183 -29.37 -0.71 7.14
CA ASN B 183 -30.08 0.46 6.59
C ASN B 183 -31.11 0.99 7.58
N SER B 184 -30.66 1.24 8.80
CA SER B 184 -31.48 1.79 9.88
C SER B 184 -30.89 3.12 10.33
N PRO B 185 -30.98 4.17 9.48
CA PRO B 185 -30.36 5.46 9.79
C PRO B 185 -30.78 6.08 11.12
N GLU B 186 -32.03 5.88 11.52
CA GLU B 186 -32.54 6.42 12.78
C GLU B 186 -31.89 5.78 13.99
N LYS B 187 -31.70 4.46 13.94
CA LYS B 187 -30.99 3.73 14.99
C LYS B 187 -29.51 4.11 15.04
N ALA B 188 -28.88 4.23 13.86
CA ALA B 188 -27.48 4.63 13.74
C ALA B 188 -27.26 6.00 14.38
N CYS B 189 -28.13 6.95 14.03
CA CYS B 189 -28.04 8.32 14.56
C CYS B 189 -28.27 8.40 16.06
N SER B 190 -29.27 7.68 16.57
CA SER B 190 -29.58 7.71 18.01
C SER B 190 -28.46 7.06 18.83
N LEU B 191 -27.90 5.96 18.33
CA LEU B 191 -26.76 5.32 18.99
C LEU B 191 -25.56 6.28 19.03
N ALA B 192 -25.24 6.86 17.88
CA ALA B 192 -24.10 7.79 17.77
C ALA B 192 -24.29 9.07 18.59
N LYS B 193 -25.51 9.61 18.61
CA LYS B 193 -25.80 10.84 19.37
C LYS B 193 -25.70 10.65 20.88
N THR B 194 -26.28 9.57 21.41
CA THR B 194 -26.22 9.34 22.86
C THR B 194 -24.79 9.05 23.31
N ALA B 195 -24.02 8.32 22.50
CA ALA B 195 -22.59 8.08 22.78
C ALA B 195 -21.81 9.40 22.85
N PHE B 196 -22.00 10.27 21.88
CA PHE B 196 -21.38 11.60 21.89
C PHE B 196 -21.79 12.42 23.12
N ASP B 197 -23.10 12.56 23.33
CA ASP B 197 -23.66 13.39 24.42
C ASP B 197 -23.27 12.89 25.81
N GLU B 198 -23.31 11.57 26.01
CA GLU B 198 -22.92 10.99 27.29
C GLU B 198 -21.43 11.18 27.59
N ALA B 199 -20.60 11.17 26.55
CA ALA B 199 -19.17 11.47 26.68
C ALA B 199 -18.93 12.94 27.01
N ILE B 200 -19.63 13.84 26.31
CA ILE B 200 -19.56 15.29 26.59
C ILE B 200 -19.95 15.61 28.04
N ALA B 201 -21.01 14.98 28.53
CA ALA B 201 -21.48 15.17 29.90
C ALA B 201 -20.46 14.72 30.96
N GLU B 202 -19.71 13.67 30.64
CA GLU B 202 -18.70 13.12 31.54
C GLU B 202 -17.45 13.99 31.65
N LEU B 203 -17.19 14.85 30.67
CA LEU B 203 -16.08 15.82 30.75
C LEU B 203 -16.35 16.87 31.83
N ASP B 204 -17.61 17.31 31.94
CA ASP B 204 -18.04 18.23 33.00
C ASP B 204 -17.94 17.55 34.37
N THR B 205 -18.57 16.38 34.49
CA THR B 205 -18.50 15.56 35.71
C THR B 205 -17.20 14.73 35.72
N LEU B 206 -16.08 15.41 35.95
CA LEU B 206 -14.73 14.81 35.89
C LEU B 206 -14.35 14.41 34.46
N GLU B 208 -11.45 10.64 32.76
CA GLU B 208 -10.64 11.00 31.59
C GLU B 208 -9.13 11.03 31.95
N GLU B 209 -8.32 10.40 31.10
CA GLU B 209 -6.86 10.34 31.27
C GLU B 209 -6.14 10.49 29.92
N SER B 210 -6.39 9.54 29.01
CA SER B 210 -5.90 9.61 27.62
C SER B 210 -6.96 10.27 26.72
N TYR B 211 -7.01 11.60 26.80
CA TYR B 211 -7.92 12.46 26.01
C TYR B 211 -7.97 12.11 24.52
N LYS B 212 -6.79 11.91 23.94
CA LYS B 212 -6.56 11.99 22.48
C LYS B 212 -7.44 11.06 21.67
N ASP B 213 -7.41 9.76 22.00
CA ASP B 213 -8.19 8.75 21.27
C ASP B 213 -9.70 8.96 21.46
N SER B 214 -10.10 9.21 22.72
CA SER B 214 -11.51 9.42 23.06
C SER B 214 -12.10 10.60 22.29
N THR B 215 -11.43 11.76 22.36
CA THR B 215 -11.92 12.97 21.69
C THR B 215 -11.89 12.85 20.17
N LEU B 216 -10.93 12.11 19.62
CA LEU B 216 -10.90 11.83 18.18
C LEU B 216 -12.14 11.03 17.74
N ILE B 217 -12.50 10.00 18.51
CA ILE B 217 -13.68 9.18 18.19
C ILE B 217 -14.97 10.01 18.33
N MET B 218 -15.04 10.87 19.35
CA MET B 218 -16.16 11.79 19.51
C MET B 218 -16.36 12.65 18.27
N GLN B 219 -15.26 13.18 17.73
CA GLN B 219 -15.29 13.96 16.48
C GLN B 219 -15.82 13.13 15.31
N LEU B 220 -15.36 11.89 15.20
CA LEU B 220 -15.86 10.97 14.16
C LEU B 220 -17.34 10.62 14.35
N LEU B 221 -17.80 10.50 15.59
CA LEU B 221 -19.22 10.26 15.86
C LEU B 221 -20.06 11.42 15.35
N ARG B 222 -19.65 12.65 15.70
CA ARG B 222 -20.37 13.84 15.27
C ARG B 222 -20.33 14.04 13.75
N ASP B 223 -19.18 13.76 13.13
CA ASP B 223 -19.04 13.81 11.66
C ASP B 223 -20.06 12.91 10.95
N ASN B 224 -20.24 11.70 11.49
CA ASN B 224 -21.26 10.78 10.97
C ASN B 224 -22.67 11.33 11.16
N LEU B 225 -22.95 11.91 12.32
CA LEU B 225 -24.24 12.57 12.57
C LEU B 225 -24.51 13.72 11.58
N THR B 226 -23.48 14.50 11.26
CA THR B 226 -23.59 15.57 10.27
C THR B 226 -23.84 15.01 8.86
N LEU B 227 -23.09 13.97 8.48
CA LEU B 227 -23.25 13.32 7.18
C LEU B 227 -24.62 12.66 7.02
N TRP B 228 -25.07 11.95 8.06
CA TRP B 228 -26.34 11.21 8.01
C TRP B 228 -27.60 12.09 8.12
N THR B 229 -27.44 13.36 8.49
CA THR B 229 -28.50 14.37 8.38
C THR B 229 -28.21 15.30 7.19
N SER B 230 -28.83 15.02 6.06
CA SER B 230 -28.60 15.77 4.81
C SER B 230 -29.22 17.18 4.87
#